data_3BPC
#
_entry.id   3BPC
#
_cell.length_a   45.850
_cell.length_b   81.290
_cell.length_c   132.340
_cell.angle_alpha   90.000
_cell.angle_beta   90.000
_cell.angle_gamma   90.000
#
_symmetry.space_group_name_H-M   'P 21 21 21'
#
loop_
_entity.id
_entity.type
_entity.pdbx_description
1 polymer 'Fab, antibody fragment (IgG1k), light chain'
2 polymer 'Fab, antibody fragment (IgG1k), heavy chain'
3 branched '3,4,5-trideoxy-alpha-D-erythro-oct-3-en-2-ulopyranosonic acid-(2-8)-prop-2-en-1-yl 3-deoxy-alpha-D-manno-oct-2-ulopyranosidonic acid'
4 non-polymer 'ZINC ION'
5 non-polymer 'MAGNESIUM ION'
6 water water
#
loop_
_entity_poly.entity_id
_entity_poly.type
_entity_poly.pdbx_seq_one_letter_code
_entity_poly.pdbx_strand_id
1 'polypeptide(L)'
;DIVMSQSPSSLAVSAGEKVTMSCKSSQSLLNSRTRKNYLAWYQQKPGQSPKLLIYWASTRESGVPDRFTGSGSGTDFTLT
ITSVQAEDLAVYYCKQSYNLRTFGGGTKLEIKRADAAPTVSIFPPSSEQLTSGGASVVCFLNNFYPKDINVKWKIDGSER
QNGVLNSWTDQDSKDSTYSMSSTLTLTKDEYERHNSYTCEATHKTSTSPIVKSFNRNEC
;
A
2 'polypeptide(L)'
;EVKLVESGGGLVQSGGSLRLSCATSGFTFTDYYMSWVRQPPGKALEWLGFIRNKANGYTTEYSPSVKGRFTISRDNSQSI
LYLQMNTLRAEDSATYYCARDHDGYYERFSYWGQGTLVTVSAAKTTPPSVYPLAPGSAAQTNSMVTLGCLVKGYFPEPVT
VTWNSGSLSSGVHTFPAVLQSDLYTLSSSVTVPSSTWPSETVTCNVAHPASSTKVDKKIVPR
;
B
#
loop_
_chem_comp.id
_chem_comp.type
_chem_comp.name
_chem_comp.formula
KDA D-saccharide 'prop-2-en-1-yl 3-deoxy-alpha-D-manno-oct-2-ulopyranosidonic acid' 'C11 H18 O8'
KDB D-saccharide, alpha linking '3,4,5-trideoxy-alpha-D-erythro-oct-3-en-2-ulopyranosonic acid' 'C8 H12 O6'
MG non-polymer 'MAGNESIUM ION' 'Mg 2'
ZN non-polymer 'ZINC ION' 'Zn 2'
#
# COMPACT_ATOMS: atom_id res chain seq x y z
N ASP A 1 28.13 6.87 -10.84
CA ASP A 1 26.70 6.44 -11.24
C ASP A 1 25.85 7.67 -10.96
N ILE A 2 24.52 7.69 -11.14
CA ILE A 2 23.84 8.93 -10.63
C ILE A 2 23.00 8.70 -9.38
N VAL A 3 23.46 9.26 -8.27
CA VAL A 3 22.81 9.10 -6.95
C VAL A 3 21.80 10.23 -6.70
N MET A 4 20.56 9.84 -6.41
CA MET A 4 19.49 10.77 -6.14
C MET A 4 19.16 10.77 -4.64
N SER A 5 19.12 11.96 -4.05
CA SER A 5 18.87 12.08 -2.62
C SER A 5 17.72 13.04 -2.38
N GLN A 6 16.84 12.68 -1.44
CA GLN A 6 15.70 13.52 -1.13
C GLN A 6 15.73 13.90 0.36
N SER A 7 15.09 15.03 0.65
CA SER A 7 14.99 15.59 1.99
C SER A 7 13.71 16.43 2.07
N PRO A 8 13.00 16.39 3.22
CA PRO A 8 13.27 15.53 4.40
C PRO A 8 12.86 14.08 4.12
N SER A 9 13.17 13.18 5.07
CA SER A 9 12.65 11.80 4.99
C SER A 9 11.14 11.79 5.16
N SER A 10 10.66 12.64 6.08
CA SER A 10 9.26 12.81 6.36
C SER A 10 9.04 14.15 7.02
N LEU A 11 7.79 14.62 6.93
CA LEU A 11 7.34 15.83 7.61
C LEU A 11 5.82 15.79 7.66
N ALA A 12 5.25 16.56 8.56
CA ALA A 12 3.78 16.68 8.61
C ALA A 12 3.39 18.14 8.51
N VAL A 13 2.33 18.42 7.75
CA VAL A 13 1.86 19.80 7.51
C VAL A 13 0.34 19.86 7.69
N SER A 14 -0.17 20.96 8.25
CA SER A 14 -1.63 21.13 8.41
C SER A 14 -2.27 21.50 7.07
N ALA A 15 -3.49 21.01 6.83
CA ALA A 15 -4.21 21.42 5.61
C ALA A 15 -4.11 22.95 5.45
N GLY A 16 -3.89 23.42 4.23
CA GLY A 16 -3.84 24.88 3.97
C GLY A 16 -2.45 25.52 4.07
N GLU A 17 -1.50 24.77 4.57
CA GLU A 17 -0.12 25.26 4.67
C GLU A 17 0.66 24.85 3.45
N LYS A 18 1.87 25.41 3.37
CA LYS A 18 2.82 25.16 2.31
C LYS A 18 3.78 24.01 2.67
N VAL A 19 4.11 23.23 1.67
CA VAL A 19 5.00 22.07 1.85
C VAL A 19 6.16 22.31 0.87
N THR A 20 7.39 22.15 1.37
CA THR A 20 8.58 22.27 0.53
C THR A 20 9.42 21.00 0.70
N MET A 21 9.87 20.43 -0.42
CA MET A 21 10.73 19.25 -0.36
C MET A 21 11.79 19.26 -1.45
N SER A 22 12.92 18.61 -1.18
CA SER A 22 14.14 18.79 -1.98
C SER A 22 14.62 17.50 -2.57
N CYS A 23 15.28 17.63 -3.70
CA CYS A 23 15.84 16.49 -4.41
C CYS A 23 17.21 16.91 -4.95
N LYS A 24 18.21 16.14 -4.62
CA LYS A 24 19.56 16.40 -5.14
C LYS A 24 20.04 15.25 -6.03
N SER A 25 20.81 15.59 -7.07
CA SER A 25 21.52 14.61 -7.89
C SER A 25 23.02 14.82 -7.77
N SER A 26 23.75 13.72 -7.75
CA SER A 26 25.23 13.71 -7.75
C SER A 26 25.85 14.32 -8.97
N GLN A 27 25.13 14.40 -10.09
CA GLN A 27 25.66 15.20 -11.19
C GLN A 27 24.53 15.97 -11.84
N SER A 28 24.87 17.02 -12.59
CA SER A 28 23.87 17.81 -13.29
C SER A 28 22.95 16.98 -14.19
N LEU A 29 21.65 17.26 -14.10
CA LEU A 29 20.66 16.68 -14.98
C LEU A 29 20.31 17.60 -16.13
N LEU A 30 21.02 18.74 -16.25
CA LEU A 30 20.74 19.67 -17.38
C LEU A 30 21.35 19.11 -18.69
N ASN A 31 20.48 18.67 -19.59
CA ASN A 31 20.84 18.07 -20.87
C ASN A 31 21.25 19.22 -21.81
N SER A 32 22.47 19.18 -22.37
CA SER A 32 22.95 20.34 -23.15
C SER A 32 22.26 20.42 -24.51
N ARG A 33 21.72 19.30 -24.95
CA ARG A 33 21.09 19.18 -26.26
C ARG A 33 19.74 19.90 -26.31
N THR A 34 18.88 19.66 -25.30
CA THR A 34 17.55 20.26 -25.25
C THR A 34 17.48 21.37 -24.21
N ARG A 35 18.55 21.52 -23.42
CA ARG A 35 18.66 22.60 -22.41
C ARG A 35 17.55 22.45 -21.35
N LYS A 36 17.11 21.20 -21.13
CA LYS A 36 16.11 20.89 -20.07
C LYS A 36 16.72 19.96 -19.05
N ASN A 37 16.18 20.03 -17.83
CA ASN A 37 16.59 19.15 -16.74
C ASN A 37 15.73 17.92 -16.79
N TYR A 38 16.37 16.75 -16.90
CA TYR A 38 15.67 15.49 -17.02
C TYR A 38 15.34 14.96 -15.62
N LEU A 39 14.39 15.63 -14.96
CA LEU A 39 14.06 15.39 -13.55
C LEU A 39 12.57 15.47 -13.41
N ALA A 40 12.00 14.37 -12.90
CA ALA A 40 10.54 14.25 -12.80
C ALA A 40 10.14 13.96 -11.38
N TRP A 41 8.94 14.39 -11.02
CA TRP A 41 8.35 14.11 -9.70
C TRP A 41 7.12 13.21 -9.81
N TYR A 42 6.99 12.25 -8.88
CA TYR A 42 5.88 11.30 -8.83
C TYR A 42 5.33 11.28 -7.43
N GLN A 43 4.02 11.11 -7.36
CA GLN A 43 3.31 11.04 -6.12
C GLN A 43 2.75 9.63 -5.96
N GLN A 44 3.01 9.02 -4.80
CA GLN A 44 2.48 7.71 -4.49
C GLN A 44 1.61 7.73 -3.21
N LYS A 45 0.30 7.68 -3.42
CA LYS A 45 -0.68 7.73 -2.30
C LYS A 45 -0.72 6.34 -1.67
N PRO A 46 -1.13 6.26 -0.39
CA PRO A 46 -1.03 4.93 0.28
C PRO A 46 -1.79 3.84 -0.50
N GLY A 47 -1.14 2.68 -0.71
CA GLY A 47 -1.69 1.54 -1.48
C GLY A 47 -2.04 1.80 -2.95
N GLN A 48 -1.52 2.91 -3.51
CA GLN A 48 -1.67 3.24 -4.94
C GLN A 48 -0.32 3.11 -5.69
N SER A 49 -0.39 3.06 -7.04
CA SER A 49 0.82 3.19 -7.88
C SER A 49 1.33 4.64 -7.93
N PRO A 50 2.65 4.87 -8.26
CA PRO A 50 3.15 6.24 -8.46
C PRO A 50 2.38 6.90 -9.62
N LYS A 51 2.17 8.20 -9.52
CA LYS A 51 1.49 8.99 -10.52
C LYS A 51 2.41 10.20 -10.88
N LEU A 52 2.63 10.42 -12.18
CA LEU A 52 3.36 11.62 -12.62
C LEU A 52 2.66 12.93 -12.19
N LEU A 53 3.45 13.81 -11.56
CA LEU A 53 3.08 15.20 -11.27
C LEU A 53 3.80 16.21 -12.20
N ILE A 54 5.14 16.14 -12.22
CA ILE A 54 5.97 17.16 -12.87
C ILE A 54 7.07 16.49 -13.62
N TYR A 55 7.44 17.07 -14.76
CA TYR A 55 8.62 16.57 -15.48
C TYR A 55 9.36 17.74 -16.11
N TRP A 56 10.53 17.44 -16.66
CA TRP A 56 11.48 18.48 -17.07
C TRP A 56 11.64 19.55 -15.96
N ALA A 57 11.70 19.06 -14.70
CA ALA A 57 11.83 19.86 -13.48
C ALA A 57 10.63 20.72 -13.09
N SER A 58 9.98 21.38 -14.05
CA SER A 58 8.99 22.42 -13.80
C SER A 58 7.66 22.32 -14.62
N THR A 59 7.59 21.36 -15.54
CA THR A 59 6.40 21.18 -16.35
C THR A 59 5.33 20.37 -15.64
N ARG A 60 4.22 21.04 -15.37
CA ARG A 60 3.13 20.38 -14.64
C ARG A 60 2.28 19.57 -15.61
N GLU A 61 2.20 18.24 -15.41
CA GLU A 61 1.37 17.36 -16.22
C GLU A 61 -0.09 17.80 -16.22
N SER A 62 -0.75 17.69 -17.38
CA SER A 62 -2.17 18.01 -17.46
C SER A 62 -2.93 17.17 -16.44
N GLY A 63 -3.90 17.80 -15.79
CA GLY A 63 -4.75 17.15 -14.79
C GLY A 63 -4.20 17.25 -13.37
N VAL A 64 -2.98 17.79 -13.21
CA VAL A 64 -2.36 17.92 -11.92
C VAL A 64 -2.66 19.32 -11.39
N PRO A 65 -3.15 19.42 -10.13
CA PRO A 65 -3.50 20.71 -9.53
C PRO A 65 -2.37 21.74 -9.60
N ASP A 66 -2.76 22.99 -9.85
CA ASP A 66 -1.94 24.22 -9.76
C ASP A 66 -1.11 24.34 -8.48
N ARG A 67 -1.58 23.72 -7.40
CA ARG A 67 -0.85 23.82 -6.11
C ARG A 67 0.52 23.12 -6.10
N PHE A 68 0.74 22.22 -7.05
CA PHE A 68 2.01 21.50 -7.18
C PHE A 68 2.93 22.26 -8.14
N THR A 69 4.09 22.70 -7.66
CA THR A 69 5.02 23.41 -8.59
C THR A 69 6.41 22.86 -8.41
N GLY A 70 7.05 22.47 -9.52
CA GLY A 70 8.43 21.98 -9.49
C GLY A 70 9.33 23.12 -9.91
N SER A 71 10.56 23.13 -9.36
CA SER A 71 11.56 24.18 -9.59
C SER A 71 12.99 23.65 -9.43
N GLY A 72 13.97 24.49 -9.77
CA GLY A 72 15.40 24.17 -9.63
C GLY A 72 16.01 23.80 -10.96
N SER A 73 17.28 23.45 -10.91
CA SER A 73 18.05 23.18 -12.10
C SER A 73 19.35 22.52 -11.68
N GLY A 74 19.96 21.78 -12.61
CA GLY A 74 21.26 21.13 -12.44
C GLY A 74 21.28 19.99 -11.45
N THR A 75 21.82 20.25 -10.25
CA THR A 75 21.88 19.25 -9.21
C THR A 75 20.79 19.35 -8.16
N ASP A 76 20.01 20.43 -8.17
CA ASP A 76 19.09 20.69 -7.03
C ASP A 76 17.72 21.12 -7.52
N PHE A 77 16.71 20.43 -6.95
CA PHE A 77 15.30 20.49 -7.36
C PHE A 77 14.39 20.54 -6.17
N THR A 78 13.24 21.17 -6.35
CA THR A 78 12.31 21.42 -5.22
C THR A 78 10.91 21.17 -5.74
N LEU A 79 10.14 20.43 -4.96
CA LEU A 79 8.70 20.36 -5.15
C LEU A 79 7.96 21.18 -4.07
N THR A 80 7.14 22.11 -4.51
CA THR A 80 6.40 22.95 -3.59
C THR A 80 4.91 22.66 -3.74
N ILE A 81 4.21 22.48 -2.61
CA ILE A 81 2.77 22.28 -2.61
C ILE A 81 2.21 23.41 -1.80
N THR A 82 1.42 24.28 -2.43
CA THR A 82 0.79 25.35 -1.66
C THR A 82 -0.57 24.89 -1.18
N SER A 83 -1.09 25.46 -0.10
CA SER A 83 -2.48 25.17 0.31
C SER A 83 -2.73 23.66 0.29
N VAL A 84 -1.82 22.94 0.97
CA VAL A 84 -1.88 21.47 0.97
C VAL A 84 -3.27 20.96 1.34
N GLN A 85 -3.71 19.88 0.66
CA GLN A 85 -4.98 19.27 0.99
C GLN A 85 -4.81 17.92 1.71
N ALA A 86 -5.83 17.46 2.43
CA ALA A 86 -5.83 16.13 3.06
C ALA A 86 -5.46 15.02 2.08
N GLU A 87 -6.00 15.10 0.86
CA GLU A 87 -5.75 14.08 -0.16
C GLU A 87 -4.29 14.03 -0.63
N ASP A 88 -3.47 15.03 -0.27
CA ASP A 88 -2.06 15.11 -0.69
C ASP A 88 -1.10 14.22 0.11
N LEU A 89 -1.66 13.52 1.10
CA LEU A 89 -0.93 12.51 1.89
C LEU A 89 -0.34 11.48 0.92
N ALA A 90 0.98 11.37 0.88
CA ALA A 90 1.67 10.49 -0.08
C ALA A 90 3.15 10.48 0.17
N VAL A 91 3.86 9.55 -0.49
CA VAL A 91 5.32 9.61 -0.62
C VAL A 91 5.58 10.23 -1.99
N TYR A 92 6.51 11.19 -2.02
CA TYR A 92 6.81 11.91 -3.27
C TYR A 92 8.22 11.54 -3.65
N TYR A 93 8.42 11.15 -4.93
CA TYR A 93 9.71 10.67 -5.44
C TYR A 93 10.17 11.62 -6.56
N CYS A 94 11.46 11.92 -6.55
CA CYS A 94 12.06 12.46 -7.77
C CYS A 94 12.80 11.36 -8.51
N LYS A 95 13.04 11.64 -9.81
CA LYS A 95 13.62 10.64 -10.66
C LYS A 95 14.36 11.30 -11.82
N GLN A 96 15.63 10.95 -11.98
CA GLN A 96 16.43 11.45 -13.13
C GLN A 96 16.25 10.51 -14.30
N SER A 97 16.32 11.08 -15.51
CA SER A 97 16.32 10.25 -16.71
C SER A 97 17.38 10.76 -17.71
N TYR A 98 18.31 11.51 -17.16
CA TYR A 98 19.51 11.91 -17.89
C TYR A 98 20.44 10.73 -18.36
N ASN A 99 20.64 9.72 -17.50
CA ASN A 99 21.43 8.54 -17.88
C ASN A 99 20.73 7.34 -17.29
N LEU A 100 20.07 6.55 -18.15
CA LEU A 100 19.09 5.52 -17.70
C LEU A 100 18.10 6.22 -16.75
N ARG A 101 17.62 5.55 -15.68
CA ARG A 101 16.78 6.28 -14.72
C ARG A 101 17.13 5.81 -13.31
N THR A 102 16.91 6.70 -12.34
CA THR A 102 17.19 6.46 -10.91
C THR A 102 16.20 7.28 -10.11
N PHE A 103 15.51 6.60 -9.17
CA PHE A 103 14.64 7.26 -8.19
C PHE A 103 15.41 7.67 -6.93
N GLY A 104 15.06 8.82 -6.38
CA GLY A 104 15.42 9.24 -5.01
C GLY A 104 14.71 8.32 -4.03
N GLY A 105 14.99 8.53 -2.77
CA GLY A 105 14.49 7.69 -1.67
C GLY A 105 13.11 8.03 -1.20
N GLY A 106 12.53 9.14 -1.66
CA GLY A 106 11.18 9.51 -1.33
C GLY A 106 11.11 10.45 -0.12
N THR A 107 10.03 11.24 -0.08
CA THR A 107 9.72 12.06 1.07
C THR A 107 8.28 11.74 1.46
N LYS A 108 8.06 11.30 2.70
CA LYS A 108 6.72 10.96 3.19
C LYS A 108 6.05 12.20 3.76
N LEU A 109 5.00 12.61 3.10
CA LEU A 109 4.22 13.73 3.59
C LEU A 109 3.01 13.25 4.41
N GLU A 110 3.01 13.57 5.70
CA GLU A 110 1.86 13.30 6.53
C GLU A 110 1.05 14.58 6.75
N ILE A 111 -0.20 14.44 7.11
CA ILE A 111 -1.05 15.62 7.35
C ILE A 111 -1.28 15.78 8.85
N LYS A 112 -0.90 16.94 9.39
CA LYS A 112 -1.29 17.33 10.73
C LYS A 112 -2.76 17.76 10.78
N ARG A 113 -3.48 17.32 11.81
CA ARG A 113 -4.88 17.69 12.03
C ARG A 113 -5.18 17.85 13.51
N ALA A 114 -6.36 18.34 13.89
CA ALA A 114 -6.70 18.46 15.33
C ALA A 114 -6.70 17.07 15.98
N ASP A 115 -6.25 16.98 17.25
CA ASP A 115 -6.40 15.75 18.02
C ASP A 115 -7.85 15.22 17.99
N ALA A 116 -8.01 13.90 17.88
CA ALA A 116 -9.36 13.23 17.86
C ALA A 116 -9.29 11.92 18.63
N ALA A 117 -10.30 11.68 19.49
CA ALA A 117 -10.35 10.48 20.30
C ALA A 117 -10.74 9.31 19.40
N PRO A 118 -10.24 8.10 19.69
CA PRO A 118 -10.66 6.96 18.89
C PRO A 118 -12.06 6.48 19.26
N THR A 119 -12.70 5.84 18.31
CA THR A 119 -13.89 5.06 18.58
C THR A 119 -13.45 3.60 18.73
N VAL A 120 -13.72 3.02 19.91
CA VAL A 120 -13.28 1.66 20.24
C VAL A 120 -14.44 0.65 20.17
N SER A 121 -14.17 -0.51 19.57
CA SER A 121 -15.15 -1.60 19.39
C SER A 121 -14.45 -2.87 19.75
N ILE A 122 -15.08 -3.70 20.57
CA ILE A 122 -14.55 -5.00 20.87
C ILE A 122 -15.45 -6.09 20.23
N PHE A 123 -14.80 -7.16 19.73
CA PHE A 123 -15.49 -8.28 19.05
C PHE A 123 -15.11 -9.64 19.67
N PRO A 124 -16.10 -10.41 20.12
CA PRO A 124 -15.78 -11.73 20.61
C PRO A 124 -15.44 -12.69 19.47
N PRO A 125 -14.73 -13.79 19.78
CA PRO A 125 -14.41 -14.78 18.76
C PRO A 125 -15.70 -15.33 18.15
N SER A 126 -15.62 -15.64 16.86
CA SER A 126 -16.74 -16.23 16.14
C SER A 126 -16.85 -17.74 16.44
N SER A 127 -18.04 -18.29 16.32
CA SER A 127 -18.21 -19.72 16.56
C SER A 127 -17.47 -20.51 15.48
N GLU A 128 -17.39 -19.98 14.26
CA GLU A 128 -16.63 -20.66 13.21
C GLU A 128 -15.11 -20.79 13.48
N GLN A 129 -14.52 -19.87 14.24
CA GLN A 129 -13.14 -20.03 14.72
C GLN A 129 -13.08 -20.95 15.92
N LEU A 130 -13.99 -20.74 16.85
CA LEU A 130 -14.02 -21.56 18.10
C LEU A 130 -14.13 -23.06 17.79
N THR A 131 -14.80 -23.38 16.68
CA THR A 131 -15.00 -24.79 16.28
C THR A 131 -13.66 -25.50 16.08
N SER A 132 -12.66 -24.70 15.79
CA SER A 132 -11.46 -25.15 15.22
C SER A 132 -10.37 -25.13 16.32
N GLY A 133 -10.77 -24.70 17.53
CA GLY A 133 -9.88 -24.69 18.69
C GLY A 133 -9.16 -23.38 18.99
N GLY A 134 -9.38 -22.35 18.19
CA GLY A 134 -8.80 -21.05 18.46
C GLY A 134 -9.82 -19.99 18.85
N ALA A 135 -9.36 -18.90 19.44
CA ALA A 135 -10.23 -17.80 19.88
C ALA A 135 -9.47 -16.50 19.75
N SER A 136 -9.78 -15.72 18.69
CA SER A 136 -9.25 -14.37 18.52
C SER A 136 -10.23 -13.32 19.02
N VAL A 137 -9.78 -12.51 19.96
CA VAL A 137 -10.57 -11.34 20.37
C VAL A 137 -9.95 -10.13 19.68
N VAL A 138 -10.79 -9.29 19.08
CA VAL A 138 -10.35 -8.15 18.25
C VAL A 138 -10.88 -6.83 18.81
N CYS A 139 -10.02 -5.80 18.82
CA CYS A 139 -10.44 -4.43 19.18
C CYS A 139 -9.98 -3.47 18.10
N PHE A 140 -10.92 -2.68 17.60
CA PHE A 140 -10.61 -1.58 16.69
C PHE A 140 -10.57 -0.26 17.46
N LEU A 141 -9.50 0.51 17.22
CA LEU A 141 -9.36 1.86 17.72
C LEU A 141 -9.42 2.72 16.46
N ASN A 142 -10.60 3.20 16.16
CA ASN A 142 -10.83 3.85 14.85
C ASN A 142 -10.79 5.37 14.86
N ASN A 143 -10.16 5.94 13.83
CA ASN A 143 -10.28 7.36 13.47
C ASN A 143 -9.85 8.30 14.61
N PHE A 144 -8.60 8.12 15.03
CA PHE A 144 -7.97 8.98 16.03
C PHE A 144 -6.76 9.77 15.47
N TYR A 145 -6.34 10.80 16.21
CA TYR A 145 -5.13 11.56 15.89
C TYR A 145 -4.63 12.16 17.18
N PRO A 146 -3.31 12.12 17.44
CA PRO A 146 -2.19 11.66 16.63
C PRO A 146 -2.04 10.14 16.72
N LYS A 147 -1.02 9.59 16.00
CA LYS A 147 -0.84 8.16 15.80
C LYS A 147 -0.55 7.37 17.08
N ASP A 148 0.15 7.97 18.04
CA ASP A 148 0.54 7.20 19.21
C ASP A 148 -0.70 6.88 20.06
N ILE A 149 -0.74 5.63 20.51
CA ILE A 149 -1.88 5.14 21.26
C ILE A 149 -1.44 3.89 22.02
N ASN A 150 -2.11 3.63 23.14
CA ASN A 150 -1.75 2.50 23.95
C ASN A 150 -2.97 1.61 24.08
N VAL A 151 -2.79 0.32 23.91
CA VAL A 151 -3.89 -0.60 24.18
C VAL A 151 -3.44 -1.66 25.20
N LYS A 152 -4.30 -1.88 26.19
CA LYS A 152 -4.10 -2.95 27.16
C LYS A 152 -5.27 -3.94 27.09
N TRP A 153 -4.96 -5.21 27.22
CA TRP A 153 -5.99 -6.26 27.34
C TRP A 153 -6.09 -6.74 28.78
N LYS A 154 -7.30 -6.77 29.29
CA LYS A 154 -7.55 -7.31 30.63
C LYS A 154 -8.52 -8.51 30.55
N ILE A 155 -8.15 -9.61 31.17
CA ILE A 155 -8.99 -10.82 31.21
C ILE A 155 -9.34 -11.11 32.67
N ASP A 156 -10.63 -11.13 33.00
CA ASP A 156 -11.08 -11.13 34.37
C ASP A 156 -10.34 -10.10 35.28
N GLY A 157 -10.15 -8.90 34.74
CA GLY A 157 -9.59 -7.77 35.51
C GLY A 157 -8.09 -7.54 35.51
N SER A 158 -7.31 -8.52 35.03
CA SER A 158 -5.86 -8.28 34.93
C SER A 158 -5.22 -8.40 33.55
N GLU A 159 -4.16 -7.63 33.34
CA GLU A 159 -3.53 -7.51 32.01
C GLU A 159 -2.99 -8.81 31.42
N GLY A 163 0.08 -13.14 23.13
CA GLY A 163 -0.51 -13.38 21.81
C GLY A 163 -1.31 -12.20 21.25
N VAL A 164 -0.71 -11.00 21.30
CA VAL A 164 -1.32 -9.73 20.80
C VAL A 164 -0.60 -9.21 19.51
N LEU A 165 -1.37 -9.02 18.43
CA LEU A 165 -0.98 -8.42 17.13
C LEU A 165 -1.54 -7.01 17.00
N ASN A 166 -0.71 -5.98 16.83
CA ASN A 166 -1.20 -4.63 16.54
C ASN A 166 -0.91 -4.19 15.08
N SER A 167 -1.86 -3.49 14.45
CA SER A 167 -1.63 -2.94 13.12
C SER A 167 -2.26 -1.57 13.00
N TRP A 168 -1.47 -0.54 12.64
CA TRP A 168 -2.04 0.77 12.29
C TRP A 168 -2.22 0.87 10.79
N THR A 169 -3.30 1.50 10.38
CA THR A 169 -3.51 1.89 9.01
C THR A 169 -2.53 3.02 8.65
N ASP A 170 -2.42 3.23 7.35
CA ASP A 170 -1.91 4.47 6.81
C ASP A 170 -2.89 5.56 7.26
N GLN A 171 -2.43 6.81 7.21
CA GLN A 171 -3.31 7.94 7.44
C GLN A 171 -4.48 7.99 6.43
N ASP A 172 -5.67 8.40 6.88
CA ASP A 172 -6.84 8.52 6.00
C ASP A 172 -6.67 9.72 5.06
N SER A 173 -6.89 9.49 3.77
CA SER A 173 -6.77 10.56 2.74
C SER A 173 -7.91 11.60 2.80
N LYS A 174 -8.97 11.30 3.55
CA LYS A 174 -10.08 12.24 3.71
C LYS A 174 -10.11 12.99 5.04
N ASP A 175 -10.06 12.28 6.17
CA ASP A 175 -10.15 12.98 7.47
C ASP A 175 -8.82 13.05 8.23
N SER A 176 -7.76 12.52 7.62
CA SER A 176 -6.37 12.55 8.14
C SER A 176 -6.22 11.83 9.49
N THR A 177 -7.14 10.91 9.79
CA THR A 177 -7.03 10.10 11.00
C THR A 177 -6.30 8.80 10.73
N TYR A 178 -5.86 8.18 11.84
CA TYR A 178 -5.34 6.85 11.88
C TYR A 178 -6.33 5.92 12.57
N SER A 179 -6.26 4.64 12.21
CA SER A 179 -6.91 3.59 13.00
C SER A 179 -5.93 2.50 13.29
N MET A 180 -6.24 1.71 14.33
CA MET A 180 -5.36 0.64 14.74
C MET A 180 -6.23 -0.56 15.18
N SER A 181 -5.79 -1.77 14.86
CA SER A 181 -6.46 -3.02 15.27
C SER A 181 -5.54 -3.68 16.29
N SER A 182 -6.15 -4.28 17.34
CA SER A 182 -5.41 -5.10 18.28
C SER A 182 -6.16 -6.45 18.35
N THR A 183 -5.42 -7.51 18.12
CA THR A 183 -5.95 -8.87 18.13
C THR A 183 -5.24 -9.72 19.18
N LEU A 184 -6.04 -10.28 20.10
CA LEU A 184 -5.54 -11.18 21.11
C LEU A 184 -5.97 -12.58 20.72
N THR A 185 -5.02 -13.48 20.52
CA THR A 185 -5.40 -14.84 20.13
C THR A 185 -5.07 -15.81 21.27
N LEU A 186 -6.09 -16.58 21.64
CA LEU A 186 -6.03 -17.59 22.71
C LEU A 186 -6.37 -18.96 22.14
N THR A 187 -6.10 -20.02 22.91
CA THR A 187 -6.69 -21.33 22.57
C THR A 187 -8.11 -21.29 23.06
N LYS A 188 -8.96 -22.20 22.56
CA LYS A 188 -10.32 -22.30 23.07
C LYS A 188 -10.32 -22.68 24.57
N ASP A 189 -9.52 -23.70 24.92
CA ASP A 189 -9.37 -24.12 26.34
C ASP A 189 -9.05 -22.93 27.30
N GLU A 190 -8.08 -22.11 26.94
CA GLU A 190 -7.77 -20.88 27.73
C GLU A 190 -8.91 -19.83 27.75
N TYR A 191 -9.49 -19.53 26.58
CA TYR A 191 -10.63 -18.59 26.48
C TYR A 191 -11.77 -18.99 27.42
N GLU A 192 -11.99 -20.30 27.49
CA GLU A 192 -13.10 -20.84 28.25
C GLU A 192 -12.93 -20.79 29.77
N ARG A 193 -11.74 -20.45 30.24
CA ARG A 193 -11.47 -20.38 31.69
C ARG A 193 -11.86 -19.08 32.36
N HIS A 194 -12.12 -18.06 31.54
CA HIS A 194 -12.30 -16.73 32.06
C HIS A 194 -13.56 -16.11 31.46
N ASN A 195 -14.10 -15.09 32.10
CA ASN A 195 -15.38 -14.57 31.69
C ASN A 195 -15.26 -13.21 31.02
N SER A 196 -14.56 -12.27 31.67
CA SER A 196 -14.47 -10.88 31.21
C SER A 196 -13.24 -10.65 30.28
N TYR A 197 -13.48 -10.08 29.10
CA TYR A 197 -12.45 -9.69 28.12
C TYR A 197 -12.59 -8.20 27.84
N THR A 198 -11.50 -7.47 28.02
CA THR A 198 -11.52 -6.00 27.99
C THR A 198 -10.32 -5.45 27.20
N CYS A 199 -10.60 -4.52 26.31
CA CYS A 199 -9.48 -3.74 25.73
C CYS A 199 -9.65 -2.28 26.15
N GLU A 200 -8.53 -1.67 26.53
CA GLU A 200 -8.52 -0.33 27.12
C GLU A 200 -7.58 0.51 26.31
N ALA A 201 -8.10 1.58 25.72
CA ALA A 201 -7.30 2.43 24.87
C ALA A 201 -6.94 3.71 25.61
N THR A 202 -5.64 3.99 25.73
CA THR A 202 -5.25 5.29 26.30
C THR A 202 -4.62 6.16 25.21
N HIS A 203 -5.24 7.32 25.00
CA HIS A 203 -4.85 8.25 23.96
C HIS A 203 -4.76 9.63 24.61
N LYS A 204 -3.92 10.51 24.07
CA LYS A 204 -3.69 11.83 24.70
C LYS A 204 -4.95 12.72 24.76
N THR A 205 -5.97 12.41 23.93
CA THR A 205 -7.28 13.07 23.96
C THR A 205 -8.05 12.96 25.27
N SER A 206 -7.74 11.99 26.10
CA SER A 206 -8.36 11.92 27.43
C SER A 206 -7.44 11.28 28.45
N THR A 207 -7.49 11.76 29.68
CA THR A 207 -6.78 11.09 30.76
C THR A 207 -7.54 9.80 31.17
N SER A 208 -8.79 9.69 30.76
CA SER A 208 -9.60 8.48 31.01
C SER A 208 -9.40 7.48 29.85
N PRO A 209 -8.86 6.26 30.13
CA PRO A 209 -8.90 5.25 29.04
C PRO A 209 -10.34 4.96 28.59
N ILE A 210 -10.46 4.65 27.31
CA ILE A 210 -11.73 4.21 26.73
C ILE A 210 -11.73 2.72 26.91
N VAL A 211 -12.74 2.20 27.61
CA VAL A 211 -12.79 0.80 27.99
C VAL A 211 -13.97 0.17 27.30
N LYS A 212 -13.69 -0.90 26.56
CA LYS A 212 -14.75 -1.73 25.96
C LYS A 212 -14.55 -3.19 26.42
N SER A 213 -15.66 -3.84 26.75
CA SER A 213 -15.64 -5.17 27.36
C SER A 213 -16.80 -6.05 26.91
N PHE A 214 -16.61 -7.36 26.98
CA PHE A 214 -17.74 -8.28 26.94
C PHE A 214 -17.49 -9.40 27.96
N ASN A 215 -18.58 -10.00 28.41
CA ASN A 215 -18.53 -11.17 29.28
C ASN A 215 -19.06 -12.38 28.56
N ARG A 216 -18.31 -13.47 28.63
CA ARG A 216 -18.66 -14.74 27.96
C ARG A 216 -20.06 -15.29 28.32
N ASN A 217 -20.50 -15.07 29.55
CA ASN A 217 -21.84 -15.48 30.05
C ASN A 217 -23.00 -14.72 29.38
N GLU A 218 -22.66 -13.60 28.74
CA GLU A 218 -23.64 -12.75 28.12
C GLU A 218 -23.77 -12.99 26.63
N CYS A 219 -22.91 -13.87 26.10
CA CYS A 219 -22.87 -14.15 24.67
C CYS A 219 -24.14 -14.83 24.20
N GLU B 1 -8.31 5.41 -23.64
CA GLU B 1 -7.90 5.36 -22.21
C GLU B 1 -6.69 4.45 -22.05
N VAL B 2 -5.60 5.00 -21.52
CA VAL B 2 -4.38 4.19 -21.37
C VAL B 2 -4.55 3.21 -20.21
N LYS B 3 -4.22 1.94 -20.47
CA LYS B 3 -4.24 0.83 -19.48
C LYS B 3 -2.94 0.06 -19.48
N LEU B 4 -2.40 -0.20 -18.29
CA LEU B 4 -1.28 -1.13 -18.14
C LEU B 4 -1.71 -2.02 -16.99
N VAL B 5 -1.48 -3.30 -17.14
CA VAL B 5 -1.92 -4.26 -16.14
C VAL B 5 -0.89 -5.34 -16.09
N GLU B 6 -0.16 -5.40 -14.98
CA GLU B 6 0.83 -6.46 -14.71
C GLU B 6 0.09 -7.69 -14.21
N SER B 7 0.63 -8.86 -14.55
CA SER B 7 0.23 -10.14 -13.98
C SER B 7 1.45 -11.02 -13.82
N GLY B 8 1.31 -12.08 -13.04
CA GLY B 8 2.35 -13.11 -12.95
C GLY B 8 3.08 -13.20 -11.61
N GLY B 9 2.85 -12.23 -10.75
CA GLY B 9 3.51 -12.25 -9.44
C GLY B 9 2.91 -13.30 -8.53
N GLY B 10 3.67 -13.71 -7.52
CA GLY B 10 3.15 -14.55 -6.42
C GLY B 10 4.38 -15.16 -5.76
N LEU B 11 4.23 -16.38 -5.24
CA LEU B 11 5.29 -17.01 -4.46
C LEU B 11 6.24 -17.87 -5.28
N VAL B 12 7.54 -17.67 -5.08
CA VAL B 12 8.55 -18.49 -5.76
C VAL B 12 9.70 -18.76 -4.77
N GLN B 13 10.34 -19.92 -4.87
CA GLN B 13 11.43 -20.26 -3.94
C GLN B 13 12.72 -19.55 -4.34
N SER B 14 13.61 -19.35 -3.37
CA SER B 14 14.94 -18.82 -3.65
C SER B 14 15.60 -19.63 -4.76
N GLY B 15 16.27 -18.94 -5.67
CA GLY B 15 16.95 -19.60 -6.80
C GLY B 15 16.06 -19.87 -8.00
N GLY B 16 14.75 -19.70 -7.82
CA GLY B 16 13.81 -20.02 -8.88
C GLY B 16 13.66 -18.87 -9.88
N SER B 17 12.87 -19.07 -10.93
CA SER B 17 12.66 -18.02 -11.93
C SER B 17 11.19 -17.69 -12.03
N LEU B 18 10.90 -16.50 -12.56
CA LEU B 18 9.53 -16.05 -12.65
C LEU B 18 9.40 -15.04 -13.81
N ARG B 19 8.30 -15.09 -14.53
CA ARG B 19 8.14 -14.17 -15.66
C ARG B 19 6.85 -13.39 -15.48
N LEU B 20 6.98 -12.07 -15.51
CA LEU B 20 5.85 -11.18 -15.33
C LEU B 20 5.46 -10.65 -16.69
N SER B 21 4.21 -10.24 -16.85
CA SER B 21 3.72 -9.63 -18.08
C SER B 21 3.01 -8.32 -17.74
N CYS B 22 2.89 -7.46 -18.76
CA CYS B 22 2.24 -6.20 -18.59
C CYS B 22 1.49 -5.91 -19.89
N ALA B 23 0.17 -6.05 -19.82
CA ALA B 23 -0.70 -5.86 -20.99
C ALA B 23 -1.00 -4.39 -21.06
N THR B 24 -0.88 -3.81 -22.26
CA THR B 24 -1.11 -2.35 -22.45
C THR B 24 -2.16 -2.11 -23.55
N SER B 25 -2.80 -0.94 -23.50
CA SER B 25 -3.72 -0.51 -24.55
C SER B 25 -3.93 1.00 -24.44
N GLY B 26 -4.47 1.62 -25.49
CA GLY B 26 -4.82 3.04 -25.42
C GLY B 26 -3.75 3.96 -25.94
N PHE B 27 -2.69 3.36 -26.46
CA PHE B 27 -1.57 4.14 -27.00
C PHE B 27 -0.72 3.30 -27.97
N THR B 28 0.00 3.98 -28.87
CA THR B 28 0.83 3.31 -29.86
C THR B 28 2.06 2.70 -29.22
N PHE B 29 1.92 1.42 -28.89
CA PHE B 29 2.87 0.72 -28.07
C PHE B 29 4.32 0.82 -28.58
N THR B 30 4.52 0.58 -29.88
CA THR B 30 5.83 0.58 -30.50
C THR B 30 6.47 1.99 -30.54
N ASP B 31 5.70 3.05 -30.35
CA ASP B 31 6.27 4.39 -30.26
C ASP B 31 7.03 4.58 -28.94
N TYR B 32 6.80 3.69 -27.98
CA TYR B 32 7.22 3.93 -26.58
C TYR B 32 8.30 2.97 -26.05
N TYR B 33 9.26 3.54 -25.33
CA TYR B 33 10.15 2.78 -24.42
C TYR B 33 9.19 2.35 -23.31
N MET B 34 9.49 1.22 -22.67
CA MET B 34 8.73 0.80 -21.48
C MET B 34 9.71 0.44 -20.39
N SER B 35 9.41 0.79 -19.14
CA SER B 35 10.31 0.47 -18.04
C SER B 35 9.65 -0.52 -17.04
N TRP B 36 10.47 -1.22 -16.27
CA TRP B 36 10.00 -1.93 -15.06
C TRP B 36 10.64 -1.26 -13.85
N VAL B 37 9.84 -1.07 -12.80
CA VAL B 37 10.29 -0.44 -11.57
C VAL B 37 9.74 -1.38 -10.48
N ARG B 38 10.54 -1.64 -9.43
CA ARG B 38 10.04 -2.42 -8.28
C ARG B 38 10.05 -1.67 -6.96
N GLN B 39 9.29 -2.20 -6.00
CA GLN B 39 9.24 -1.54 -4.71
C GLN B 39 9.07 -2.61 -3.59
N PRO B 40 10.14 -2.84 -2.82
CA PRO B 40 9.95 -3.73 -1.67
C PRO B 40 8.93 -3.11 -0.69
N PRO B 41 8.16 -3.96 0.03
CA PRO B 41 7.21 -3.41 1.01
C PRO B 41 7.81 -2.31 1.92
N GLY B 42 7.20 -1.13 1.90
CA GLY B 42 7.59 -0.01 2.82
C GLY B 42 8.86 0.73 2.41
N LYS B 43 9.39 0.40 1.24
CA LYS B 43 10.64 0.95 0.75
C LYS B 43 10.45 1.78 -0.55
N ALA B 44 11.58 2.23 -1.10
CA ALA B 44 11.61 3.17 -2.24
C ALA B 44 11.44 2.41 -3.53
N LEU B 45 11.03 3.16 -4.55
CA LEU B 45 11.00 2.71 -5.93
C LEU B 45 12.40 2.48 -6.43
N GLU B 46 12.57 1.40 -7.15
CA GLU B 46 13.84 1.10 -7.81
C GLU B 46 13.62 0.82 -9.30
N TRP B 47 14.21 1.66 -10.16
CA TRP B 47 14.22 1.39 -11.62
C TRP B 47 15.06 0.16 -11.97
N LEU B 48 14.54 -0.72 -12.84
CA LEU B 48 15.14 -2.02 -13.09
C LEU B 48 15.73 -2.09 -14.52
N GLY B 49 15.04 -1.47 -15.47
CA GLY B 49 15.50 -1.52 -16.86
C GLY B 49 14.43 -1.00 -17.78
N PHE B 50 14.82 -0.81 -19.04
CA PHE B 50 13.86 -0.46 -20.07
C PHE B 50 14.13 -1.26 -21.40
N ILE B 51 13.11 -1.29 -22.26
CA ILE B 51 13.28 -1.77 -23.63
C ILE B 51 12.86 -0.57 -24.45
N ARG B 52 13.73 -0.23 -25.41
CA ARG B 52 13.50 0.93 -26.26
C ARG B 52 12.35 0.75 -27.25
N ASN B 53 11.95 1.86 -27.91
CA ASN B 53 10.92 1.82 -28.94
C ASN B 53 11.45 1.31 -30.30
N LYS B 54 10.54 1.21 -31.26
CA LYS B 54 10.92 0.73 -32.62
C LYS B 54 12.06 1.56 -33.23
N ALA B 55 11.92 2.88 -33.18
CA ALA B 55 12.92 3.82 -33.71
C ALA B 55 14.34 3.53 -33.20
N ASN B 56 14.42 2.91 -32.03
CA ASN B 56 15.69 2.60 -31.39
C ASN B 56 16.01 1.11 -31.31
N GLY B 57 15.41 0.33 -32.19
CA GLY B 57 15.80 -1.05 -32.33
C GLY B 57 15.30 -1.96 -31.23
N TYR B 58 14.39 -1.48 -30.41
CA TYR B 58 13.92 -2.25 -29.25
C TYR B 58 15.09 -2.83 -28.42
N THR B 59 16.17 -2.07 -28.28
CA THR B 59 17.29 -2.52 -27.46
C THR B 59 16.97 -2.34 -25.97
N THR B 60 17.71 -3.05 -25.14
CA THR B 60 17.41 -3.08 -23.71
C THR B 60 18.56 -2.49 -22.88
N GLU B 61 18.23 -1.97 -21.69
CA GLU B 61 19.24 -1.58 -20.72
C GLU B 61 18.74 -1.95 -19.34
N TYR B 62 19.68 -2.16 -18.40
CA TYR B 62 19.37 -2.66 -17.06
C TYR B 62 20.15 -1.89 -15.99
N SER B 63 19.54 -1.69 -14.82
CA SER B 63 20.33 -1.31 -13.67
C SER B 63 21.40 -2.37 -13.40
N PRO B 64 22.58 -1.96 -12.90
CA PRO B 64 23.57 -2.94 -12.48
C PRO B 64 23.07 -3.89 -11.39
N SER B 65 22.03 -3.50 -10.65
CA SER B 65 21.50 -4.37 -9.60
C SER B 65 20.90 -5.66 -10.19
N VAL B 66 20.49 -5.62 -11.46
CA VAL B 66 19.81 -6.77 -12.09
C VAL B 66 20.39 -7.25 -13.43
N LYS B 67 21.34 -6.50 -13.99
CA LYS B 67 21.89 -6.85 -15.29
C LYS B 67 22.52 -8.23 -15.24
N GLY B 68 22.15 -9.06 -16.21
CA GLY B 68 22.64 -10.44 -16.28
C GLY B 68 21.68 -11.46 -15.71
N ARG B 69 20.75 -10.99 -14.88
CA ARG B 69 19.85 -11.85 -14.16
C ARG B 69 18.38 -11.64 -14.58
N PHE B 70 17.99 -10.40 -14.91
CA PHE B 70 16.67 -10.12 -15.45
C PHE B 70 16.77 -9.79 -16.96
N THR B 71 15.72 -10.11 -17.69
CA THR B 71 15.60 -9.80 -19.12
C THR B 71 14.24 -9.19 -19.46
N ILE B 72 14.25 -8.11 -20.23
CA ILE B 72 13.01 -7.46 -20.63
C ILE B 72 12.77 -7.82 -22.10
N SER B 73 11.53 -8.16 -22.44
CA SER B 73 11.16 -8.38 -23.85
C SER B 73 9.81 -7.75 -24.11
N ARG B 74 9.42 -7.65 -25.38
CA ARG B 74 8.09 -7.07 -25.70
C ARG B 74 7.42 -7.84 -26.85
N ASP B 75 6.11 -8.00 -26.77
CA ASP B 75 5.29 -8.46 -27.93
C ASP B 75 4.67 -7.26 -28.65
N ASN B 76 5.26 -6.86 -29.78
CA ASN B 76 4.76 -5.73 -30.56
C ASN B 76 3.47 -5.95 -31.34
N SER B 77 3.05 -7.21 -31.46
CA SER B 77 1.75 -7.55 -32.08
C SER B 77 0.60 -7.35 -31.12
N GLN B 78 0.85 -7.65 -29.85
CA GLN B 78 -0.19 -7.65 -28.87
C GLN B 78 -0.02 -6.58 -27.81
N SER B 79 1.07 -5.79 -27.94
CA SER B 79 1.40 -4.71 -26.99
C SER B 79 1.52 -5.23 -25.56
N ILE B 80 2.31 -6.30 -25.39
CA ILE B 80 2.56 -6.86 -24.07
C ILE B 80 4.04 -6.73 -23.78
N LEU B 81 4.34 -6.23 -22.58
CA LEU B 81 5.70 -6.17 -22.00
C LEU B 81 5.94 -7.30 -20.99
N TYR B 82 7.18 -7.82 -20.98
CA TYR B 82 7.57 -8.97 -20.20
C TYR B 82 8.82 -8.66 -19.39
N LEU B 83 8.85 -9.21 -18.18
CA LEU B 83 10.08 -9.26 -17.41
C LEU B 83 10.42 -10.67 -16.97
N GLN B 84 11.56 -11.19 -17.41
CA GLN B 84 12.07 -12.50 -16.99
C GLN B 84 13.05 -12.31 -15.84
N MET B 85 12.75 -12.98 -14.71
CA MET B 85 13.55 -12.91 -13.51
C MET B 85 14.17 -14.26 -13.19
N ASN B 86 15.50 -14.29 -13.07
CA ASN B 86 16.13 -15.56 -12.74
C ASN B 86 16.87 -15.48 -11.43
N THR B 87 17.17 -16.66 -10.87
CA THR B 87 18.02 -16.81 -9.67
C THR B 87 17.53 -15.85 -8.59
N LEU B 88 16.24 -15.98 -8.24
CA LEU B 88 15.59 -15.00 -7.39
C LEU B 88 16.10 -15.16 -5.95
N ARG B 89 16.15 -14.04 -5.25
CA ARG B 89 16.56 -14.01 -3.86
C ARG B 89 15.54 -13.24 -3.02
N ALA B 90 15.67 -13.33 -1.70
CA ALA B 90 14.83 -12.61 -0.74
C ALA B 90 14.63 -11.13 -1.08
N GLU B 91 15.69 -10.47 -1.52
CA GLU B 91 15.66 -9.04 -1.80
C GLU B 91 14.90 -8.70 -3.09
N ASP B 92 14.51 -9.72 -3.83
CA ASP B 92 13.67 -9.55 -5.02
C ASP B 92 12.20 -9.49 -4.63
N SER B 93 11.89 -9.82 -3.38
CA SER B 93 10.52 -9.67 -2.90
C SER B 93 10.09 -8.21 -2.98
N ALA B 94 9.03 -7.99 -3.75
CA ALA B 94 8.58 -6.63 -4.08
C ALA B 94 7.38 -6.54 -4.97
N THR B 95 6.78 -5.34 -4.99
CA THR B 95 5.77 -5.03 -6.01
C THR B 95 6.49 -4.56 -7.26
N TYR B 96 6.18 -5.24 -8.38
CA TYR B 96 6.68 -4.87 -9.72
C TYR B 96 5.66 -4.08 -10.52
N TYR B 97 6.09 -2.90 -11.00
CA TYR B 97 5.30 -2.05 -11.89
C TYR B 97 5.92 -1.94 -13.28
N CYS B 98 5.06 -1.96 -14.32
CA CYS B 98 5.50 -1.56 -15.63
C CYS B 98 5.03 -0.10 -15.73
N ALA B 99 5.83 0.71 -16.42
CA ALA B 99 5.52 2.09 -16.70
C ALA B 99 5.87 2.44 -18.15
N ARG B 100 4.99 3.22 -18.76
CA ARG B 100 5.25 3.77 -20.08
C ARG B 100 6.34 4.82 -19.88
N ASP B 101 7.33 4.77 -20.76
CA ASP B 101 8.56 5.58 -20.65
C ASP B 101 8.65 6.45 -21.91
N HIS B 102 9.87 6.67 -22.38
CA HIS B 102 10.24 7.67 -23.44
C HIS B 102 9.62 7.41 -24.82
N ASP B 103 9.19 8.49 -25.49
CA ASP B 103 8.72 8.40 -26.90
C ASP B 103 9.66 9.11 -27.86
N GLY B 104 10.82 9.55 -27.38
CA GLY B 104 11.78 10.29 -28.19
C GLY B 104 11.65 11.80 -28.01
N TYR B 105 10.60 12.23 -27.32
CA TYR B 105 10.23 13.65 -27.18
C TYR B 105 10.13 14.08 -25.72
N TYR B 106 9.48 13.26 -24.91
CA TYR B 106 9.19 13.64 -23.53
C TYR B 106 10.00 12.79 -22.57
N GLU B 107 10.52 13.45 -21.54
CA GLU B 107 11.17 12.79 -20.42
C GLU B 107 10.19 12.64 -19.27
N ARG B 108 9.54 11.47 -19.21
CA ARG B 108 8.50 11.21 -18.24
C ARG B 108 8.04 9.74 -18.28
N PHE B 109 7.61 9.21 -17.14
CA PHE B 109 6.82 7.97 -17.14
C PHE B 109 5.34 8.37 -17.00
N SER B 110 4.58 8.40 -18.10
CA SER B 110 3.24 8.98 -17.99
C SER B 110 2.21 8.11 -17.24
N TYR B 111 2.36 6.79 -17.34
CA TYR B 111 1.34 5.84 -16.85
C TYR B 111 2.02 4.65 -16.22
N TRP B 112 1.37 4.08 -15.22
CA TRP B 112 1.96 3.02 -14.42
C TRP B 112 0.86 1.98 -14.21
N GLY B 113 1.23 0.70 -14.19
CA GLY B 113 0.23 -0.34 -13.87
C GLY B 113 -0.07 -0.34 -12.36
N GLN B 114 -0.97 -1.22 -11.96
CA GLN B 114 -1.40 -1.39 -10.56
C GLN B 114 -0.36 -2.13 -9.73
N GLY B 115 0.55 -2.85 -10.41
CA GLY B 115 1.60 -3.56 -9.72
C GLY B 115 1.21 -5.01 -9.47
N THR B 116 2.22 -5.85 -9.43
CA THR B 116 2.08 -7.30 -9.14
C THR B 116 3.12 -7.68 -8.09
N LEU B 117 2.67 -8.37 -7.04
CA LEU B 117 3.51 -8.66 -5.87
C LEU B 117 4.22 -10.01 -6.02
N VAL B 118 5.55 -9.96 -5.98
CA VAL B 118 6.39 -11.14 -6.00
C VAL B 118 6.94 -11.40 -4.59
N THR B 119 6.74 -12.63 -4.11
CA THR B 119 7.31 -13.06 -2.82
C THR B 119 8.31 -14.20 -3.07
N VAL B 120 9.52 -14.06 -2.53
CA VAL B 120 10.59 -15.08 -2.63
C VAL B 120 10.76 -15.71 -1.25
N SER B 121 10.39 -16.98 -1.14
CA SER B 121 10.26 -17.64 0.16
C SER B 121 10.21 -19.15 -0.03
N ALA B 122 10.65 -19.87 0.98
CA ALA B 122 10.46 -21.34 0.96
C ALA B 122 9.11 -21.75 1.62
N ALA B 123 8.42 -20.81 2.26
CA ALA B 123 7.13 -21.11 2.91
C ALA B 123 6.07 -21.62 1.90
N LYS B 124 5.20 -22.53 2.36
CA LYS B 124 4.08 -23.06 1.53
C LYS B 124 3.02 -21.98 1.32
N THR B 125 2.22 -22.08 0.27
CA THR B 125 0.96 -21.29 0.18
C THR B 125 -0.04 -21.82 1.20
N THR B 126 -0.59 -20.90 2.02
CA THR B 126 -1.63 -21.21 3.02
C THR B 126 -2.85 -20.29 2.82
N PRO B 127 -4.07 -20.86 2.61
CA PRO B 127 -5.21 -19.97 2.39
C PRO B 127 -5.67 -19.39 3.72
N PRO B 128 -6.36 -18.22 3.69
CA PRO B 128 -6.81 -17.60 4.93
C PRO B 128 -8.03 -18.31 5.57
N SER B 129 -8.17 -18.16 6.87
CA SER B 129 -9.45 -18.42 7.53
C SER B 129 -10.08 -17.07 7.62
N VAL B 130 -11.36 -16.97 7.30
CA VAL B 130 -12.05 -15.66 7.36
C VAL B 130 -13.14 -15.66 8.39
N TYR B 131 -13.04 -14.79 9.40
CA TYR B 131 -14.00 -14.75 10.50
C TYR B 131 -14.75 -13.44 10.59
N PRO B 132 -16.04 -13.52 10.94
CA PRO B 132 -16.83 -12.30 11.04
C PRO B 132 -16.56 -11.55 12.35
N LEU B 133 -16.60 -10.22 12.30
CA LEU B 133 -16.51 -9.43 13.52
C LEU B 133 -17.82 -8.70 13.72
N ALA B 134 -18.63 -9.23 14.64
CA ALA B 134 -19.91 -8.68 14.91
C ALA B 134 -19.91 -8.32 16.41
N PRO B 135 -20.64 -7.28 16.81
CA PRO B 135 -20.69 -6.91 18.24
C PRO B 135 -21.34 -8.02 19.09
N SER B 143 -26.37 4.99 17.15
CA SER B 143 -26.53 5.56 15.80
C SER B 143 -25.81 4.77 14.71
N MET B 144 -24.51 4.53 14.93
CA MET B 144 -23.62 3.87 13.98
C MET B 144 -23.24 2.47 14.55
N VAL B 145 -22.86 1.53 13.68
CA VAL B 145 -22.37 0.22 14.10
C VAL B 145 -21.11 -0.07 13.30
N THR B 146 -20.10 -0.62 13.98
CA THR B 146 -18.87 -1.01 13.28
C THR B 146 -18.76 -2.51 13.23
N LEU B 147 -18.62 -3.03 12.01
CA LEU B 147 -18.49 -4.48 11.79
C LEU B 147 -17.08 -4.73 11.23
N GLY B 148 -16.69 -5.98 11.11
CA GLY B 148 -15.35 -6.29 10.57
C GLY B 148 -15.29 -7.69 9.98
N CYS B 149 -14.16 -7.99 9.34
CA CYS B 149 -13.76 -9.35 9.04
C CYS B 149 -12.33 -9.49 9.43
N LEU B 150 -12.04 -10.61 10.11
CA LEU B 150 -10.68 -11.07 10.41
C LEU B 150 -10.23 -12.09 9.38
N VAL B 151 -9.12 -11.78 8.73
CA VAL B 151 -8.56 -12.62 7.65
C VAL B 151 -7.23 -13.19 8.19
N LYS B 152 -7.27 -14.42 8.68
CA LYS B 152 -6.24 -14.95 9.58
C LYS B 152 -5.44 -16.12 9.00
N GLY B 153 -4.11 -16.06 9.13
CA GLY B 153 -3.25 -17.22 8.90
C GLY B 153 -3.02 -17.59 7.46
N TYR B 154 -2.59 -16.61 6.63
CA TYR B 154 -2.41 -16.91 5.20
C TYR B 154 -0.98 -16.58 4.76
N PHE B 155 -0.60 -17.15 3.62
CA PHE B 155 0.68 -16.81 3.01
C PHE B 155 0.64 -17.24 1.56
N PRO B 156 1.21 -16.44 0.65
CA PRO B 156 1.86 -15.13 0.82
C PRO B 156 0.83 -14.02 0.76
N GLU B 157 1.29 -12.78 0.86
CA GLU B 157 0.50 -11.60 0.46
C GLU B 157 0.27 -11.69 -1.07
N PRO B 158 -0.75 -10.98 -1.57
CA PRO B 158 -1.72 -10.16 -0.84
C PRO B 158 -3.11 -10.85 -0.65
N VAL B 159 -3.99 -10.20 0.11
CA VAL B 159 -5.41 -10.51 0.03
C VAL B 159 -6.10 -9.20 -0.37
N THR B 160 -7.27 -9.33 -0.99
CA THR B 160 -8.16 -8.19 -1.19
C THR B 160 -9.41 -8.35 -0.36
N VAL B 161 -9.88 -7.24 0.21
CA VAL B 161 -11.11 -7.24 0.99
C VAL B 161 -12.00 -6.13 0.46
N THR B 162 -13.20 -6.53 0.03
CA THR B 162 -14.26 -5.55 -0.24
C THR B 162 -15.49 -5.77 0.65
N TRP B 163 -16.40 -4.80 0.63
CA TRP B 163 -17.66 -4.90 1.42
C TRP B 163 -18.84 -4.66 0.50
N ASN B 164 -19.77 -5.62 0.52
CA ASN B 164 -20.95 -5.64 -0.37
C ASN B 164 -20.52 -5.49 -1.82
N SER B 165 -19.56 -6.33 -2.20
CA SER B 165 -19.00 -6.37 -3.57
C SER B 165 -18.54 -5.00 -4.03
N GLY B 166 -18.11 -4.17 -3.07
CA GLY B 166 -17.65 -2.81 -3.35
C GLY B 166 -18.62 -1.63 -3.25
N SER B 167 -19.90 -1.92 -3.03
CA SER B 167 -20.92 -0.87 -2.86
C SER B 167 -20.79 -0.12 -1.53
N LEU B 168 -20.19 -0.77 -0.54
CA LEU B 168 -19.79 -0.13 0.71
C LEU B 168 -18.31 0.17 0.62
N SER B 169 -17.99 1.46 0.49
CA SER B 169 -16.63 1.95 0.25
C SER B 169 -16.27 3.05 1.24
N SER B 170 -17.25 3.91 1.55
CA SER B 170 -17.06 4.87 2.61
C SER B 170 -17.08 4.20 3.98
N GLY B 171 -16.39 4.78 4.94
CA GLY B 171 -16.33 4.19 6.28
C GLY B 171 -15.68 2.81 6.31
N VAL B 172 -14.83 2.52 5.32
CA VAL B 172 -14.09 1.26 5.27
C VAL B 172 -12.61 1.57 5.49
N HIS B 173 -11.97 0.81 6.37
CA HIS B 173 -10.53 0.64 6.25
C HIS B 173 -10.03 -0.77 6.55
N THR B 174 -8.92 -1.10 5.90
CA THR B 174 -8.33 -2.42 6.06
C THR B 174 -7.00 -2.16 6.74
N PHE B 175 -6.77 -2.90 7.83
CA PHE B 175 -5.56 -2.79 8.62
C PHE B 175 -4.46 -3.63 7.95
N PRO B 176 -3.26 -3.03 7.76
CA PRO B 176 -2.19 -3.77 7.08
C PRO B 176 -1.88 -5.09 7.74
N ALA B 177 -1.53 -6.08 6.91
CA ALA B 177 -1.24 -7.43 7.40
C ALA B 177 -0.01 -7.51 8.31
N VAL B 178 -0.07 -8.32 9.36
CA VAL B 178 1.11 -8.51 10.22
C VAL B 178 1.54 -9.95 10.11
N LEU B 179 2.85 -10.16 9.90
CA LEU B 179 3.44 -11.50 9.83
C LEU B 179 3.81 -11.97 11.22
N GLN B 180 3.29 -13.13 11.57
CA GLN B 180 3.57 -13.76 12.86
C GLN B 180 3.71 -15.23 12.63
N SER B 181 4.83 -15.76 13.15
CA SER B 181 5.21 -17.14 12.96
C SER B 181 4.80 -17.70 11.58
N ASP B 182 5.32 -17.03 10.54
CA ASP B 182 5.28 -17.45 9.15
C ASP B 182 3.94 -17.30 8.41
N LEU B 183 2.96 -16.67 9.06
CA LEU B 183 1.67 -16.41 8.40
C LEU B 183 1.22 -14.98 8.64
N TYR B 184 0.46 -14.44 7.69
CA TYR B 184 -0.15 -13.13 7.78
C TYR B 184 -1.53 -13.16 8.34
N THR B 185 -1.84 -12.12 9.10
CA THR B 185 -3.21 -11.85 9.51
C THR B 185 -3.48 -10.37 9.28
N LEU B 186 -4.68 -10.07 8.78
CA LEU B 186 -5.20 -8.72 8.72
C LEU B 186 -6.69 -8.69 9.06
N SER B 187 -7.22 -7.49 9.24
CA SER B 187 -8.64 -7.31 9.54
C SER B 187 -9.11 -6.08 8.77
N SER B 188 -10.42 -5.99 8.50
CA SER B 188 -11.00 -4.85 7.82
C SER B 188 -12.17 -4.36 8.66
N SER B 189 -12.35 -3.05 8.78
CA SER B 189 -13.56 -2.48 9.44
C SER B 189 -14.50 -1.79 8.48
N VAL B 190 -15.77 -1.86 8.82
CA VAL B 190 -16.80 -1.12 8.08
C VAL B 190 -17.81 -0.54 9.08
N THR B 191 -18.11 0.74 8.92
CA THR B 191 -19.03 1.46 9.79
C THR B 191 -20.25 1.91 8.98
N VAL B 192 -21.43 1.53 9.44
CA VAL B 192 -22.66 1.87 8.74
C VAL B 192 -23.69 2.35 9.79
N PRO B 193 -24.78 2.99 9.34
CA PRO B 193 -25.87 3.32 10.27
C PRO B 193 -26.53 2.08 10.88
N SER B 194 -26.78 2.13 12.19
CA SER B 194 -27.34 0.96 12.90
C SER B 194 -28.78 0.62 12.47
N SER B 195 -29.47 1.61 11.89
CA SER B 195 -30.78 1.42 11.27
C SER B 195 -30.67 0.58 10.00
N THR B 196 -29.45 0.45 9.47
CA THR B 196 -29.23 -0.31 8.24
C THR B 196 -28.72 -1.74 8.45
N TRP B 197 -28.28 -2.05 9.64
CA TRP B 197 -27.79 -3.41 9.91
C TRP B 197 -28.26 -3.82 11.29
N PRO B 198 -28.74 -5.07 11.45
CA PRO B 198 -28.79 -6.17 10.49
C PRO B 198 -29.96 -6.16 9.50
N SER B 199 -30.73 -5.06 9.45
CA SER B 199 -31.92 -5.04 8.58
C SER B 199 -31.57 -5.21 7.10
N GLU B 200 -30.40 -4.68 6.71
CA GLU B 200 -29.84 -4.93 5.37
C GLU B 200 -28.57 -5.76 5.55
N THR B 201 -28.24 -6.52 4.52
CA THR B 201 -27.09 -7.43 4.52
C THR B 201 -25.73 -6.70 4.39
N VAL B 202 -24.77 -7.10 5.24
CA VAL B 202 -23.36 -6.64 5.13
C VAL B 202 -22.45 -7.87 5.03
N THR B 203 -21.67 -7.93 3.95
CA THR B 203 -20.83 -9.09 3.64
C THR B 203 -19.43 -8.65 3.25
N CYS B 204 -18.41 -9.32 3.80
CA CYS B 204 -17.03 -8.99 3.38
C CYS B 204 -16.63 -9.98 2.34
N ASN B 205 -16.05 -9.46 1.26
CA ASN B 205 -15.61 -10.30 0.15
C ASN B 205 -14.12 -10.37 0.19
N VAL B 206 -13.60 -11.56 0.44
CA VAL B 206 -12.14 -11.77 0.61
C VAL B 206 -11.54 -12.67 -0.46
N ALA B 207 -10.47 -12.22 -1.10
CA ALA B 207 -9.77 -13.08 -2.08
C ALA B 207 -8.28 -13.15 -1.69
N HIS B 208 -7.68 -14.31 -1.91
CA HIS B 208 -6.28 -14.62 -1.69
C HIS B 208 -5.83 -15.30 -2.98
N PRO B 209 -5.33 -14.49 -3.94
CA PRO B 209 -5.02 -15.02 -5.27
C PRO B 209 -4.12 -16.24 -5.28
N ALA B 210 -3.09 -16.29 -4.43
CA ALA B 210 -2.13 -17.45 -4.43
C ALA B 210 -2.76 -18.82 -4.20
N SER B 211 -3.83 -18.89 -3.43
CA SER B 211 -4.57 -20.15 -3.25
C SER B 211 -5.91 -20.15 -4.02
N SER B 212 -6.14 -19.12 -4.83
CA SER B 212 -7.38 -18.90 -5.57
C SER B 212 -8.59 -18.86 -4.60
N THR B 213 -8.36 -18.52 -3.33
CA THR B 213 -9.45 -18.45 -2.34
C THR B 213 -10.40 -17.31 -2.71
N LYS B 214 -11.71 -17.61 -2.78
CA LYS B 214 -12.79 -16.58 -2.82
C LYS B 214 -13.83 -16.85 -1.74
N VAL B 215 -14.04 -15.85 -0.87
CA VAL B 215 -14.88 -16.00 0.31
C VAL B 215 -15.81 -14.82 0.38
N ASP B 216 -17.11 -15.11 0.50
CA ASP B 216 -18.04 -14.11 1.04
C ASP B 216 -18.42 -14.49 2.48
N LYS B 217 -18.32 -13.53 3.39
CA LYS B 217 -18.73 -13.78 4.76
C LYS B 217 -19.77 -12.73 5.16
N LYS B 218 -21.01 -13.16 5.29
CA LYS B 218 -22.08 -12.30 5.79
C LYS B 218 -21.84 -12.04 7.28
N ILE B 219 -22.03 -10.80 7.70
CA ILE B 219 -21.91 -10.48 9.13
C ILE B 219 -23.32 -10.60 9.73
N VAL B 220 -23.50 -11.64 10.54
CA VAL B 220 -24.83 -12.00 11.09
C VAL B 220 -24.84 -11.58 12.55
N PRO B 221 -25.96 -10.98 13.01
CA PRO B 221 -25.95 -10.53 14.41
C PRO B 221 -26.02 -11.70 15.40
C1 KDA C . 18.51 6.24 -24.40
O1B KDA C . 19.52 5.89 -23.73
O1A KDA C . 17.83 5.50 -25.15
C2 KDA C . 18.05 7.72 -24.29
C3 KDA C . 16.82 7.72 -23.36
C4 KDA C . 16.46 9.16 -22.95
O4 KDA C . 15.51 9.08 -21.90
C5 KDA C . 17.67 10.02 -22.54
O5 KDA C . 18.27 9.57 -21.30
C6 KDA C . 18.76 9.94 -23.62
O6 KDA C . 19.12 8.54 -23.81
C7 KDA C . 20.06 10.68 -23.31
O7 KDA C . 19.73 12.03 -22.96
C8 KDA C . 20.96 10.70 -24.55
O8 KDA C . 20.10 11.28 -25.57
O2 KDA C . 17.64 8.20 -25.62
C9 KDA C . 18.74 8.11 -26.44
C10 KDA C . 18.67 8.00 -27.83
C11 KDA C . 17.47 8.05 -28.52
C2 KDB C . 20.77 12.20 -26.49
C1 KDB C . 21.21 13.45 -25.71
O1B KDB C . 20.36 13.96 -24.98
O1A KDB C . 22.38 13.85 -25.86
C3 KDB C . 19.93 12.59 -27.53
C4 KDB C . 20.07 12.21 -28.88
C5 KDB C . 21.11 11.39 -29.32
C6 KDB C . 21.79 10.68 -28.15
O6 KDB C . 21.97 11.58 -27.03
C7 KDB C . 23.24 10.19 -28.39
O7 KDB C . 24.04 11.30 -28.76
C8 KDB C . 23.36 9.12 -29.46
O8 KDB C . 22.30 8.15 -29.34
ZN ZN D . -10.49 -16.19 35.25
MG MG E . -5.04 -17.72 32.52
ZN ZN F . 23.16 0.02 -24.60
MG MG G . 25.68 -5.19 -22.17
#